data_8TUI
#
_entry.id   8TUI
#
_cell.length_a   58.379
_cell.length_b   84.270
_cell.length_c   62.268
_cell.angle_alpha   90.000
_cell.angle_beta   115.860
_cell.angle_gamma   90.000
#
_symmetry.space_group_name_H-M   'P 1 21 1'
#
loop_
_entity.id
_entity.type
_entity.pdbx_description
1 polymer 'Lirilumab Fab Heavy Chain'
2 polymer 'Lirilumab Fab Light chain'
3 polymer 'Killer cell immunoglobulin-like receptor 2DL3'
4 branched 2-acetamido-2-deoxy-beta-D-glucopyranose-(1-2)-alpha-D-mannopyranose-(1-6)-[alpha-D-mannopyranose-(1-3)]beta-D-mannopyranose-(1-4)-2-acetamido-2-deoxy-beta-D-glucopyranose-(1-4)-[alpha-L-fucopyranose-(1-6)]2-acetamido-2-deoxy-beta-D-glucopyranose
5 water water
#
loop_
_entity_poly.entity_id
_entity_poly.type
_entity_poly.pdbx_seq_one_letter_code
_entity_poly.pdbx_strand_id
1 'polypeptide(L)'
;QSQVQLVQSGAEVKKPGSSVKVSCKASGGTFSFYAISWVRQAPGQGLEWMGGFIPIFGAANYAQKFQGRVTITADESTST
AYMELSSLRSDDTAVYYCARIPSGSYYYDYDMDVWGQGTTVTVSSASTKGPSVFPLAPSSKSTSGGTAALGCLVKDYFPE
PVTVSWNSGALTSGVHTFPAVLQSSGLYSLSSVVTVPSSSLGTQTYICNVNHKPSNTKVDKKVEPKSCASLVPRGSGWSH
PQFEKGGGSGGGSGGGSWSHPQFEK
;
H
2 'polypeptide(L)'
;EIVLTQSPVTLSLSPGERATLSCRASQSVSSYLAWYQQKPGQAPRLLIYDASNRATGIPARFSGSGSGTDFTLTISSLEP
EDFAVYYCQQRSNWMYTFGQGTKLEIKRTVAAPSVFIFPPSDEQLKSGTASVVCLLNNFYPREAKVQWKVDNALQSGNSQ
ESVTEQDSKDSTYSLSSTLTLSKADYEKHKVYACEVTHQGLSSPVTKSFNRGEC
;
L
3 'polypeptide(L)'
;HEGVHRKPSLLAHPGPLVKSEETVILQCWSDVRFQHFLLHREGKFKDTLHLIGEHHDGVSKANFSIGPMMQDLAGTYRCY
GSVTHSPYQLSAPSDPLDIVITGLYEKPSLSAQPGPTVLAGESVTLSCSSRSSYDMYHLSREGEAHERRFSAGPKVNGTF
QADFPLGPATHGGTYRCFGSFRDSPYEWSNSSDPLLVSVTGNPSNSWPSPTEPSSETGNPRHLHAAAEQKLISEEDLNLD
LVPRGSSSHHHHHHSSG
;
A
#
# COMPACT_ATOMS: atom_id res chain seq x y z
N GLN A 1 10.58 16.01 -1.98
CA GLN A 1 11.52 17.08 -2.28
C GLN A 1 10.80 18.41 -2.43
N SER A 2 9.48 18.32 -2.55
CA SER A 2 8.66 19.51 -2.58
C SER A 2 8.51 20.10 -1.18
N GLN A 3 8.46 21.43 -1.12
CA GLN A 3 8.24 22.10 0.16
C GLN A 3 6.86 21.79 0.74
N VAL A 4 5.94 21.31 -0.08
CA VAL A 4 4.56 21.08 0.34
C VAL A 4 4.48 19.80 1.16
N GLN A 5 3.69 19.83 2.23
CA GLN A 5 3.44 18.68 3.09
C GLN A 5 1.94 18.52 3.28
N LEU A 6 1.51 17.27 3.44
CA LEU A 6 0.10 16.95 3.55
C LEU A 6 -0.19 16.25 4.87
N VAL A 7 -1.28 16.65 5.51
CA VAL A 7 -1.72 16.08 6.78
C VAL A 7 -3.20 15.72 6.65
N GLN A 8 -3.54 14.49 6.99
CA GLN A 8 -4.89 13.97 6.83
C GLN A 8 -5.62 13.92 8.17
N SER A 9 -6.92 13.67 8.09
CA SER A 9 -7.75 13.59 9.29
C SER A 9 -7.47 12.28 10.04
N GLY A 10 -8.00 12.22 11.26
CA GLY A 10 -7.77 11.09 12.13
C GLY A 10 -8.52 9.84 11.69
N ALA A 11 -8.24 8.74 12.39
CA ALA A 11 -8.88 7.47 12.09
C ALA A 11 -10.36 7.51 12.44
N GLU A 12 -11.12 6.64 11.79
CA GLU A 12 -12.57 6.63 11.93
C GLU A 12 -13.08 5.20 11.98
N VAL A 13 -14.19 5.02 12.69
CA VAL A 13 -14.89 3.74 12.77
C VAL A 13 -16.36 4.02 12.46
N LYS A 14 -16.85 3.48 11.35
CA LYS A 14 -18.21 3.70 10.90
C LYS A 14 -18.96 2.38 10.81
N LYS A 15 -20.29 2.47 10.82
CA LYS A 15 -21.17 1.31 10.69
C LYS A 15 -21.49 1.06 9.22
N PRO A 16 -21.80 -0.19 8.86
CA PRO A 16 -22.14 -0.49 7.45
C PRO A 16 -23.34 0.30 6.98
N GLY A 17 -23.15 1.06 5.90
CA GLY A 17 -24.19 1.87 5.31
C GLY A 17 -24.07 3.36 5.60
N SER A 18 -23.11 3.74 6.42
CA SER A 18 -22.94 5.16 6.79
C SER A 18 -22.02 5.87 5.81
N SER A 19 -21.51 7.04 6.19
CA SER A 19 -20.59 7.79 5.32
C SER A 19 -19.41 8.29 6.14
N VAL A 20 -18.24 8.39 5.51
CA VAL A 20 -17.06 8.93 6.17
C VAL A 20 -16.45 10.00 5.26
N LYS A 21 -15.96 11.08 5.86
CA LYS A 21 -15.29 12.16 5.08
C LYS A 21 -13.88 12.37 5.64
N VAL A 22 -12.87 12.11 4.81
CA VAL A 22 -11.45 12.28 5.25
C VAL A 22 -10.94 13.61 4.68
N SER A 23 -10.13 14.32 5.45
CA SER A 23 -9.62 15.64 5.02
C SER A 23 -8.13 15.55 4.71
N CYS A 24 -7.66 16.37 3.79
CA CYS A 24 -6.20 16.43 3.50
C CYS A 24 -5.79 17.90 3.49
N LYS A 25 -5.15 18.36 4.57
CA LYS A 25 -4.71 19.77 4.67
C LYS A 25 -3.27 19.89 4.16
N ALA A 26 -3.02 20.86 3.30
CA ALA A 26 -1.68 21.05 2.73
C ALA A 26 -0.90 22.11 3.51
N SER A 27 0.41 21.91 3.63
CA SER A 27 1.27 22.87 4.35
C SER A 27 2.40 23.27 3.41
N GLY A 28 2.76 24.55 3.40
CA GLY A 28 3.91 24.98 2.59
C GLY A 28 3.53 25.14 1.14
N GLY A 29 2.23 25.05 0.86
CA GLY A 29 1.77 25.24 -0.52
C GLY A 29 0.30 24.92 -0.69
N THR A 30 -0.18 24.99 -1.93
CA THR A 30 -1.60 24.70 -2.23
C THR A 30 -1.62 23.59 -3.29
N PHE A 31 -2.78 23.00 -3.55
CA PHE A 31 -2.87 21.97 -4.61
C PHE A 31 -2.69 22.69 -5.95
N SER A 32 -3.00 23.98 -6.00
CA SER A 32 -2.77 24.79 -7.22
C SER A 32 -3.22 24.10 -8.50
N PHE A 33 -2.31 23.96 -9.45
CA PHE A 33 -2.64 23.35 -10.77
C PHE A 33 -2.30 21.87 -10.78
N TYR A 34 -2.14 21.29 -9.60
CA TYR A 34 -1.87 19.84 -9.51
C TYR A 34 -3.19 19.11 -9.37
N ALA A 35 -3.12 17.80 -9.13
CA ALA A 35 -4.35 16.99 -8.99
C ALA A 35 -4.40 16.32 -7.62
N ILE A 36 -5.60 16.17 -7.06
CA ILE A 36 -5.76 15.48 -5.75
C ILE A 36 -6.14 14.03 -6.03
N SER A 37 -5.27 13.08 -5.70
CA SER A 37 -5.53 11.64 -5.96
C SER A 37 -5.66 10.90 -4.63
N TRP A 38 -6.74 10.16 -4.46
CA TRP A 38 -6.93 9.35 -3.23
C TRP A 38 -6.72 7.88 -3.56
N VAL A 39 -5.95 7.17 -2.73
CA VAL A 39 -5.67 5.73 -2.94
C VAL A 39 -6.04 4.99 -1.66
N ARG A 40 -6.43 3.72 -1.76
CA ARG A 40 -6.72 2.94 -0.53
C ARG A 40 -5.97 1.61 -0.56
N GLN A 41 -5.50 1.17 0.59
CA GLN A 41 -4.83 -0.16 0.68
C GLN A 41 -5.45 -0.92 1.84
N ALA A 42 -6.07 -2.06 1.54
CA ALA A 42 -6.66 -2.91 2.59
C ALA A 42 -5.57 -3.77 3.20
N PRO A 43 -5.75 -4.28 4.44
CA PRO A 43 -4.72 -5.07 5.08
C PRO A 43 -4.26 -6.26 4.22
N GLY A 44 -3.00 -6.26 3.80
CA GLY A 44 -2.45 -7.38 3.01
C GLY A 44 -2.63 -7.19 1.52
N GLN A 45 -3.58 -6.35 1.12
CA GLN A 45 -3.85 -6.12 -0.32
C GLN A 45 -2.96 -5.00 -0.85
N GLY A 46 -3.14 -4.65 -2.13
CA GLY A 46 -2.30 -3.62 -2.75
C GLY A 46 -2.99 -2.28 -2.86
N LEU A 47 -2.39 -1.35 -3.61
CA LEU A 47 -2.92 0.03 -3.71
C LEU A 47 -4.11 0.08 -4.67
N GLU A 48 -5.21 0.72 -4.26
CA GLU A 48 -6.42 0.83 -5.11
C GLU A 48 -6.79 2.30 -5.28
N TRP A 49 -6.70 2.82 -6.51
CA TRP A 49 -7.04 4.24 -6.78
C TRP A 49 -8.55 4.43 -6.62
N MET A 50 -8.94 5.53 -5.98
CA MET A 50 -10.37 5.80 -5.74
C MET A 50 -10.84 6.85 -6.74
N GLY A 51 -10.00 7.86 -6.99
CA GLY A 51 -10.37 8.94 -7.91
C GLY A 51 -9.47 10.14 -7.79
N GLY A 52 -9.77 11.18 -8.56
CA GLY A 52 -8.94 12.40 -8.56
C GLY A 52 -9.75 13.66 -8.81
N PHE A 53 -9.21 14.81 -8.39
CA PHE A 53 -9.88 16.11 -8.63
C PHE A 53 -8.85 17.13 -9.12
N ILE A 54 -9.07 17.70 -10.29
CA ILE A 54 -8.19 18.79 -10.80
C ILE A 54 -8.94 20.10 -10.58
N PRO A 55 -8.63 20.88 -9.54
CA PRO A 55 -9.39 22.10 -9.22
C PRO A 55 -9.44 23.16 -10.33
N ILE A 56 -8.35 23.32 -11.08
CA ILE A 56 -8.27 24.36 -12.13
C ILE A 56 -9.33 24.11 -13.20
N PHE A 57 -9.56 22.85 -13.57
CA PHE A 57 -10.56 22.50 -14.60
C PHE A 57 -11.89 22.12 -13.94
N GLY A 58 -11.94 22.17 -12.61
CA GLY A 58 -13.15 21.73 -11.90
C GLY A 58 -13.52 20.33 -12.31
N ALA A 59 -12.51 19.48 -12.51
CA ALA A 59 -12.77 18.13 -13.03
C ALA A 59 -12.63 17.07 -11.94
N ALA A 60 -13.60 16.16 -11.85
CA ALA A 60 -13.54 15.05 -10.88
C ALA A 60 -13.59 13.75 -11.66
N ASN A 61 -12.52 12.97 -11.59
CA ASN A 61 -12.49 11.65 -12.28
C ASN A 61 -12.47 10.58 -11.20
N TYR A 62 -13.29 9.54 -11.37
CA TYR A 62 -13.39 8.51 -10.32
C TYR A 62 -13.24 7.13 -10.93
N ALA A 63 -13.06 6.13 -10.08
CA ALA A 63 -12.89 4.75 -10.56
C ALA A 63 -14.27 4.08 -10.64
N GLN A 64 -14.46 3.22 -11.64
CA GLN A 64 -15.78 2.57 -11.85
C GLN A 64 -16.24 1.87 -10.57
N LYS A 65 -15.33 1.28 -9.81
CA LYS A 65 -15.73 0.49 -8.61
C LYS A 65 -16.28 1.41 -7.54
N PHE A 66 -15.95 2.71 -7.58
CA PHE A 66 -16.37 3.62 -6.51
C PHE A 66 -17.28 4.70 -7.09
N GLN A 67 -17.35 4.75 -8.43
CA GLN A 67 -18.26 5.70 -9.10
C GLN A 67 -19.66 5.55 -8.50
N GLY A 68 -20.19 6.60 -7.90
CA GLY A 68 -21.57 6.56 -7.36
C GLY A 68 -21.59 6.70 -5.86
N ARG A 69 -20.52 6.29 -5.18
CA ARG A 69 -20.47 6.36 -3.70
C ARG A 69 -19.31 7.26 -3.28
N VAL A 70 -18.53 7.76 -4.24
CA VAL A 70 -17.32 8.56 -3.89
C VAL A 70 -17.48 10.01 -4.37
N THR A 71 -16.98 10.97 -3.58
CA THR A 71 -17.00 12.40 -3.97
C THR A 71 -15.67 13.00 -3.53
N ILE A 72 -14.90 13.57 -4.46
CA ILE A 72 -13.63 14.25 -4.09
C ILE A 72 -13.79 15.75 -4.33
N THR A 73 -13.45 16.57 -3.34
CA THR A 73 -13.64 18.03 -3.43
C THR A 73 -12.50 18.75 -2.70
N ALA A 74 -12.51 20.08 -2.73
CA ALA A 74 -11.46 20.88 -2.06
C ALA A 74 -12.03 22.23 -1.67
N ASP A 75 -11.34 22.95 -0.77
CA ASP A 75 -11.80 24.28 -0.33
C ASP A 75 -11.45 25.31 -1.41
N GLU A 76 -12.17 26.43 -1.43
CA GLU A 76 -11.89 27.50 -2.42
C GLU A 76 -10.45 27.93 -2.22
N SER A 77 -9.97 27.86 -0.98
CA SER A 77 -8.55 28.18 -0.70
C SER A 77 -7.64 27.19 -1.43
N THR A 78 -8.14 26.01 -1.77
CA THR A 78 -7.32 24.93 -2.40
C THR A 78 -6.20 24.52 -1.43
N SER A 79 -6.50 24.50 -0.13
CA SER A 79 -5.51 24.11 0.90
C SER A 79 -5.97 22.82 1.58
N THR A 80 -7.27 22.57 1.58
CA THR A 80 -7.81 21.35 2.23
C THR A 80 -8.59 20.54 1.19
N ALA A 81 -8.33 19.25 1.11
CA ALA A 81 -9.04 18.36 0.17
C ALA A 81 -9.94 17.41 0.96
N TYR A 82 -10.97 16.88 0.30
CA TYR A 82 -11.95 16.02 1.02
C TYR A 82 -12.42 14.87 0.14
N MET A 83 -12.57 13.67 0.72
CA MET A 83 -13.15 12.51 -0.01
C MET A 83 -14.23 11.92 0.91
N GLU A 84 -15.45 11.80 0.39
CA GLU A 84 -16.56 11.24 1.18
C GLU A 84 -17.03 9.93 0.53
N LEU A 85 -17.10 8.86 1.31
CA LEU A 85 -17.51 7.55 0.77
C LEU A 85 -18.83 7.14 1.42
N SER A 86 -19.86 6.89 0.62
CA SER A 86 -21.19 6.55 1.16
C SER A 86 -21.49 5.07 0.93
N SER A 87 -22.61 4.58 1.47
CA SER A 87 -22.95 3.14 1.36
C SER A 87 -21.73 2.33 1.83
N LEU A 88 -21.12 2.77 2.92
CA LEU A 88 -19.89 2.11 3.42
C LEU A 88 -20.12 0.61 3.62
N ARG A 89 -19.20 -0.20 3.12
CA ARG A 89 -19.27 -1.67 3.29
C ARG A 89 -18.05 -2.12 4.09
N SER A 90 -18.08 -3.33 4.63
CA SER A 90 -16.94 -3.84 5.44
C SER A 90 -15.71 -3.93 4.55
N ASP A 91 -15.90 -4.14 3.26
CA ASP A 91 -14.78 -4.27 2.31
C ASP A 91 -14.07 -2.92 2.18
N ASP A 92 -14.66 -1.87 2.73
CA ASP A 92 -14.04 -0.51 2.64
C ASP A 92 -13.13 -0.31 3.83
N THR A 93 -13.04 -1.31 4.72
CA THR A 93 -12.10 -1.22 5.86
C THR A 93 -10.68 -1.23 5.29
N ALA A 94 -10.01 -0.08 5.33
CA ALA A 94 -8.67 0.04 4.77
C ALA A 94 -8.05 1.35 5.24
N VAL A 95 -6.83 1.61 4.77
CA VAL A 95 -6.14 2.87 5.02
C VAL A 95 -6.22 3.70 3.75
N TYR A 96 -6.71 4.93 3.88
CA TYR A 96 -6.92 5.80 2.70
C TYR A 96 -5.82 6.87 2.67
N TYR A 97 -5.30 7.14 1.48
CA TYR A 97 -4.16 8.07 1.30
C TYR A 97 -4.59 9.21 0.36
N CYS A 98 -4.02 10.40 0.55
CA CYS A 98 -4.26 11.54 -0.37
C CYS A 98 -2.91 12.03 -0.91
N ALA A 99 -2.84 12.29 -2.21
CA ALA A 99 -1.57 12.62 -2.88
C ALA A 99 -1.75 13.86 -3.77
N ARG A 100 -0.76 14.77 -3.72
CA ARG A 100 -0.69 15.93 -4.65
C ARG A 100 0.21 15.55 -5.83
N ILE A 101 -0.39 15.07 -6.92
CA ILE A 101 0.37 14.64 -8.13
C ILE A 101 0.02 15.59 -9.28
N PRO A 102 0.84 15.67 -10.35
CA PRO A 102 0.48 16.46 -11.53
C PRO A 102 -0.73 15.87 -12.27
N SER A 103 -1.50 16.72 -12.96
CA SER A 103 -2.68 16.29 -13.74
C SER A 103 -2.27 15.16 -14.70
N GLY A 104 -1.11 15.29 -15.33
CA GLY A 104 -0.60 14.25 -16.25
C GLY A 104 0.90 14.15 -16.23
N SER A 105 1.58 14.90 -17.11
CA SER A 105 3.05 14.85 -17.21
C SER A 105 3.68 15.72 -16.12
N TYR A 106 4.95 15.47 -15.83
CA TYR A 106 5.69 16.30 -14.86
C TYR A 106 6.58 17.22 -15.68
N TYR A 107 6.04 17.77 -16.76
CA TYR A 107 6.92 18.54 -17.68
C TYR A 107 7.32 19.91 -17.14
N TYR A 108 8.63 20.18 -17.18
CA TYR A 108 9.18 21.48 -16.73
C TYR A 108 9.01 21.61 -15.22
N ASP A 109 8.51 22.75 -14.76
CA ASP A 109 8.40 23.03 -13.32
C ASP A 109 7.25 22.23 -12.71
N TYR A 110 7.50 21.00 -12.25
CA TYR A 110 6.44 20.23 -11.55
C TYR A 110 7.11 19.55 -10.36
N ASP A 111 6.55 19.73 -9.17
CA ASP A 111 7.23 19.19 -7.97
C ASP A 111 6.95 17.70 -7.87
N MET A 112 7.77 16.98 -7.10
CA MET A 112 7.59 15.52 -6.97
C MET A 112 6.35 15.26 -6.12
N ASP A 113 5.86 14.03 -6.09
CA ASP A 113 4.60 13.71 -5.39
C ASP A 113 4.73 13.89 -3.88
N VAL A 114 3.62 14.25 -3.21
CA VAL A 114 3.59 14.42 -1.77
C VAL A 114 2.38 13.66 -1.24
N TRP A 115 2.63 12.69 -0.37
CA TRP A 115 1.57 11.88 0.21
C TRP A 115 1.28 12.35 1.64
N GLY A 116 0.16 11.88 2.18
CA GLY A 116 -0.20 12.11 3.55
C GLY A 116 0.10 10.89 4.42
N GLN A 117 -0.05 11.09 5.73
CA GLN A 117 0.23 10.00 6.66
C GLN A 117 -0.77 8.86 6.53
N GLY A 118 -1.93 9.10 5.95
CA GLY A 118 -2.94 8.08 5.79
C GLY A 118 -4.02 8.16 6.87
N THR A 119 -5.14 7.49 6.61
CA THR A 119 -6.27 7.48 7.53
C THR A 119 -6.87 6.08 7.54
N THR A 120 -6.89 5.46 8.71
CA THR A 120 -7.47 4.13 8.88
C THR A 120 -8.96 4.25 9.14
N VAL A 121 -9.76 3.65 8.27
CA VAL A 121 -11.22 3.65 8.40
C VAL A 121 -11.68 2.22 8.51
N THR A 122 -12.43 1.91 9.57
CA THR A 122 -12.94 0.57 9.82
C THR A 122 -14.46 0.59 9.76
N VAL A 123 -15.03 -0.20 8.85
CA VAL A 123 -16.47 -0.30 8.69
C VAL A 123 -16.90 -1.67 9.20
N SER A 124 -17.54 -1.69 10.37
CA SER A 124 -18.00 -2.92 10.97
C SER A 124 -19.22 -2.62 11.83
N SER A 125 -20.12 -3.60 11.93
CA SER A 125 -21.28 -3.50 12.79
C SER A 125 -20.97 -3.91 14.23
N ALA A 126 -19.70 -4.07 14.57
CA ALA A 126 -19.28 -4.47 15.90
C ALA A 126 -19.05 -3.25 16.79
N SER A 127 -18.91 -3.51 18.09
CA SER A 127 -18.65 -2.47 19.07
C SER A 127 -17.26 -2.65 19.67
N THR A 128 -16.77 -1.59 20.29
CA THR A 128 -15.45 -1.61 20.92
C THR A 128 -15.42 -2.64 22.04
N LYS A 129 -14.49 -3.60 21.94
CA LYS A 129 -14.40 -4.69 22.90
C LYS A 129 -12.94 -4.97 23.21
N GLY A 130 -12.63 -5.11 24.50
CA GLY A 130 -11.29 -5.41 24.93
C GLY A 130 -10.91 -6.85 24.63
N PRO A 131 -9.62 -7.09 24.41
CA PRO A 131 -9.16 -8.44 24.07
C PRO A 131 -9.13 -9.36 25.28
N SER A 132 -9.08 -10.65 24.98
CA SER A 132 -8.90 -11.70 25.99
C SER A 132 -7.55 -12.35 25.73
N VAL A 133 -6.63 -12.20 26.68
CA VAL A 133 -5.27 -12.70 26.54
C VAL A 133 -5.19 -14.07 27.20
N PHE A 134 -4.88 -15.09 26.40
CA PHE A 134 -4.79 -16.46 26.88
C PHE A 134 -3.38 -16.99 26.68
N PRO A 135 -2.89 -17.82 27.61
CA PRO A 135 -1.51 -18.32 27.50
C PRO A 135 -1.38 -19.49 26.55
N LEU A 136 -0.22 -19.55 25.89
CA LEU A 136 0.16 -20.66 25.02
C LEU A 136 1.31 -21.39 25.71
N ALA A 137 0.96 -22.24 26.68
CA ALA A 137 1.94 -22.76 27.61
C ALA A 137 3.05 -23.52 26.89
N PRO A 138 4.33 -23.37 27.31
CA PRO A 138 5.42 -24.12 26.70
C PRO A 138 5.36 -25.59 27.13
N SER A 139 5.77 -26.49 26.21
CA SER A 139 5.71 -27.94 26.51
C SER A 139 6.68 -28.68 25.61
N SER A 140 6.88 -29.98 25.83
CA SER A 140 7.73 -30.78 24.91
C SER A 140 7.17 -30.60 23.50
N LYS A 141 5.87 -30.28 23.41
CA LYS A 141 5.21 -30.06 22.09
C LYS A 141 5.65 -28.70 21.53
N SER A 142 6.38 -27.92 22.32
CA SER A 142 6.87 -26.59 21.88
C SER A 142 8.35 -26.45 22.24
N THR A 143 8.94 -27.49 22.82
CA THR A 143 10.35 -27.40 23.28
C THR A 143 11.17 -28.52 22.65
N SER A 144 11.66 -28.29 21.43
CA SER A 144 12.51 -29.31 20.76
C SER A 144 13.73 -28.63 20.14
N GLY A 145 14.91 -29.24 20.32
CA GLY A 145 16.15 -28.67 19.76
C GLY A 145 16.87 -27.81 20.77
N GLY A 146 16.49 -27.92 22.05
CA GLY A 146 17.08 -27.03 23.07
C GLY A 146 16.47 -25.65 22.97
N THR A 147 15.53 -25.46 22.04
CA THR A 147 14.81 -24.16 21.92
C THR A 147 13.35 -24.40 22.27
N ALA A 148 12.80 -23.54 23.13
CA ALA A 148 11.39 -23.68 23.58
C ALA A 148 10.55 -22.54 23.00
N ALA A 149 9.29 -22.84 22.66
CA ALA A 149 8.39 -21.79 22.16
C ALA A 149 7.42 -21.36 23.27
N LEU A 150 7.09 -20.06 23.30
CA LEU A 150 6.20 -19.51 24.35
C LEU A 150 5.41 -18.36 23.68
N GLY A 151 4.11 -18.24 23.96
CA GLY A 151 3.33 -17.21 23.26
C GLY A 151 2.03 -16.80 23.94
N CYS A 152 1.32 -15.84 23.36
CA CYS A 152 0.01 -15.39 23.89
C CYS A 152 -1.00 -15.34 22.75
N LEU A 153 -2.28 -15.50 23.07
CA LEU A 153 -3.35 -15.35 22.05
C LEU A 153 -4.19 -14.12 22.41
N VAL A 154 -4.08 -13.05 21.64
CA VAL A 154 -4.94 -11.84 21.85
C VAL A 154 -6.20 -12.06 21.02
N LYS A 155 -7.20 -12.72 21.61
CA LYS A 155 -8.38 -13.13 20.87
C LYS A 155 -9.57 -12.21 21.16
N ASP A 156 -10.45 -12.09 20.16
CA ASP A 156 -11.69 -11.32 20.25
C ASP A 156 -11.45 -9.88 20.69
N TYR A 157 -11.14 -9.03 19.71
CA TYR A 157 -10.88 -7.59 20.02
C TYR A 157 -11.35 -6.70 18.88
N PHE A 158 -11.73 -5.46 19.19
CA PHE A 158 -12.16 -4.45 18.19
C PHE A 158 -12.14 -3.10 18.89
N PRO A 159 -11.72 -2.01 18.23
CA PRO A 159 -11.09 -2.08 16.92
C PRO A 159 -9.56 -2.10 17.00
N GLU A 160 -8.91 -2.50 15.90
CA GLU A 160 -7.44 -2.45 15.87
C GLU A 160 -7.02 -1.00 16.09
N PRO A 161 -5.88 -0.71 16.76
CA PRO A 161 -4.74 -1.59 16.77
C PRO A 161 -4.46 -2.27 18.11
N VAL A 162 -3.63 -3.31 18.11
CA VAL A 162 -3.22 -3.97 19.38
C VAL A 162 -1.70 -4.05 19.40
N THR A 163 -1.09 -3.62 20.49
CA THR A 163 0.36 -3.70 20.67
C THR A 163 0.69 -4.82 21.63
N VAL A 164 1.68 -5.65 21.26
CA VAL A 164 2.12 -6.76 22.09
C VAL A 164 3.62 -6.64 22.29
N SER A 165 4.06 -6.68 23.54
CA SER A 165 5.47 -6.68 23.89
C SER A 165 5.72 -7.74 24.95
N TRP A 166 6.95 -8.23 25.01
CA TRP A 166 7.34 -9.29 25.92
C TRP A 166 8.31 -8.74 26.95
N ASN A 167 7.95 -8.90 28.23
CA ASN A 167 8.77 -8.43 29.36
C ASN A 167 9.06 -6.94 29.25
N SER A 168 8.02 -6.16 28.93
CA SER A 168 8.10 -4.70 28.84
C SER A 168 9.12 -4.24 27.81
N GLY A 169 9.26 -4.99 26.72
CA GLY A 169 10.21 -4.64 25.69
C GLY A 169 11.62 -5.16 25.89
N ALA A 170 11.90 -5.79 27.03
CA ALA A 170 13.21 -6.38 27.28
C ALA A 170 13.41 -7.71 26.56
N LEU A 171 12.45 -8.09 25.73
CA LEU A 171 12.58 -9.34 24.94
C LEU A 171 12.08 -9.04 23.53
N THR A 172 13.00 -8.84 22.59
CA THR A 172 12.61 -8.46 21.21
C THR A 172 13.11 -9.53 20.23
N SER A 173 14.21 -10.18 20.57
CA SER A 173 14.81 -11.21 19.67
C SER A 173 14.00 -12.49 19.79
N GLY A 174 13.61 -13.06 18.66
CA GLY A 174 12.84 -14.32 18.64
C GLY A 174 11.36 -14.04 18.70
N VAL A 175 10.99 -12.79 18.93
CA VAL A 175 9.57 -12.50 19.09
C VAL A 175 8.92 -12.37 17.72
N HIS A 176 7.87 -13.14 17.49
CA HIS A 176 7.12 -13.11 16.23
C HIS A 176 5.68 -12.74 16.57
N THR A 177 5.30 -11.50 16.33
CA THR A 177 3.93 -11.03 16.51
C THR A 177 3.23 -11.10 15.16
N PHE A 178 2.30 -12.04 15.04
CA PHE A 178 1.66 -12.33 13.77
C PHE A 178 0.54 -11.34 13.46
N PRO A 179 0.31 -11.05 12.19
CA PRO A 179 -0.77 -10.12 11.83
C PRO A 179 -2.12 -10.64 12.30
N ALA A 180 -2.99 -9.71 12.68
CA ALA A 180 -4.30 -10.06 13.18
C ALA A 180 -5.16 -10.66 12.07
N VAL A 181 -6.18 -11.40 12.48
CA VAL A 181 -7.12 -12.03 11.56
C VAL A 181 -8.53 -11.65 11.98
N LEU A 182 -9.40 -11.45 10.99
CA LEU A 182 -10.80 -11.10 11.23
C LEU A 182 -11.64 -12.37 11.19
N GLN A 183 -12.27 -12.70 12.31
CA GLN A 183 -13.10 -13.89 12.40
C GLN A 183 -14.53 -13.58 11.96
N SER A 184 -15.34 -14.63 11.86
CA SER A 184 -16.73 -14.47 11.46
C SER A 184 -17.50 -13.58 12.43
N SER A 185 -17.08 -13.53 13.70
CA SER A 185 -17.71 -12.68 14.69
C SER A 185 -17.54 -11.19 14.40
N GLY A 186 -16.68 -10.83 13.45
CA GLY A 186 -16.33 -9.45 13.24
C GLY A 186 -15.28 -8.91 14.18
N LEU A 187 -14.76 -9.75 15.07
CA LEU A 187 -13.74 -9.36 16.03
C LEU A 187 -12.38 -9.89 15.62
N TYR A 188 -11.33 -9.14 15.93
CA TYR A 188 -9.99 -9.49 15.51
C TYR A 188 -9.33 -10.42 16.53
N SER A 189 -8.20 -10.99 16.12
CA SER A 189 -7.43 -11.89 16.96
C SER A 189 -6.02 -12.00 16.40
N LEU A 190 -5.03 -11.98 17.30
CA LEU A 190 -3.64 -12.12 16.90
C LEU A 190 -2.93 -13.08 17.85
N SER A 191 -1.76 -13.53 17.43
CA SER A 191 -0.90 -14.37 18.24
C SER A 191 0.52 -13.83 18.19
N SER A 192 1.22 -13.90 19.33
CA SER A 192 2.60 -13.43 19.41
C SER A 192 3.41 -14.47 20.18
N VAL A 193 4.41 -15.04 19.52
CA VAL A 193 5.22 -16.09 20.10
C VAL A 193 6.67 -15.62 20.20
N VAL A 194 7.43 -16.31 21.05
CA VAL A 194 8.86 -16.03 21.21
C VAL A 194 9.56 -17.33 21.54
N THR A 195 10.71 -17.55 20.90
CA THR A 195 11.53 -18.74 21.13
C THR A 195 12.64 -18.38 22.10
N VAL A 196 12.70 -19.09 23.22
CA VAL A 196 13.72 -18.88 24.24
C VAL A 196 14.49 -20.18 24.43
N PRO A 197 15.65 -20.16 25.10
CA PRO A 197 16.33 -21.42 25.43
C PRO A 197 15.41 -22.36 26.19
N SER A 198 15.58 -23.66 25.98
CA SER A 198 14.75 -24.66 26.70
C SER A 198 15.03 -24.52 28.20
N SER A 199 16.30 -24.40 28.56
CA SER A 199 16.64 -24.11 29.97
C SER A 199 16.22 -22.67 30.22
N SER A 200 16.03 -22.28 31.47
CA SER A 200 15.54 -20.91 31.78
C SER A 200 14.02 -20.84 31.63
N LEU A 201 13.40 -21.91 31.15
CA LEU A 201 11.92 -21.92 31.06
C LEU A 201 11.35 -21.83 32.47
N GLY A 202 11.98 -22.48 33.44
CA GLY A 202 11.49 -22.44 34.83
C GLY A 202 12.21 -21.39 35.64
N THR A 203 13.29 -20.85 35.09
CA THR A 203 14.10 -19.86 35.85
C THR A 203 13.71 -18.45 35.43
N GLN A 204 13.41 -18.25 34.14
CA GLN A 204 13.11 -16.89 33.65
C GLN A 204 11.61 -16.64 33.68
N THR A 205 11.21 -15.41 34.00
CA THR A 205 9.81 -15.03 34.03
C THR A 205 9.46 -14.27 32.75
N TYR A 206 8.57 -14.87 31.97
CA TYR A 206 8.16 -14.27 30.68
C TYR A 206 6.74 -13.73 30.80
N ILE A 207 6.53 -12.45 30.46
CA ILE A 207 5.20 -11.81 30.63
C ILE A 207 4.78 -11.09 29.34
N CYS A 208 3.51 -11.22 28.96
CA CYS A 208 2.97 -10.53 27.76
C CYS A 208 2.50 -9.13 28.16
N ASN A 209 2.75 -8.15 27.30
CA ASN A 209 2.29 -6.77 27.57
C ASN A 209 1.37 -6.35 26.42
N VAL A 210 0.05 -6.33 26.67
CA VAL A 210 -0.91 -6.04 25.57
C VAL A 210 -1.68 -4.76 25.88
N ASN A 211 -1.72 -3.83 24.93
CA ASN A 211 -2.49 -2.56 25.10
C ASN A 211 -3.49 -2.44 23.95
N HIS A 212 -4.59 -1.71 24.14
CA HIS A 212 -5.64 -1.64 23.15
C HIS A 212 -6.37 -0.31 23.29
N LYS A 213 -7.32 -0.07 22.32
CA LYS A 213 -8.11 1.18 22.25
C LYS A 213 -9.06 1.35 23.44
N PRO A 214 -9.78 0.34 23.95
CA PRO A 214 -10.74 0.61 25.04
C PRO A 214 -10.08 0.83 26.39
N SER A 215 -8.85 1.36 26.40
CA SER A 215 -8.09 1.60 27.62
C SER A 215 -7.96 0.31 28.44
N ASN A 216 -7.36 -0.70 27.82
CA ASN A 216 -7.21 -2.02 28.42
C ASN A 216 -5.75 -2.44 28.33
N THR A 217 -5.13 -2.66 29.49
CA THR A 217 -3.77 -3.20 29.57
C THR A 217 -3.84 -4.51 30.34
N LYS A 218 -3.45 -5.60 29.68
CA LYS A 218 -3.50 -6.93 30.27
C LYS A 218 -2.09 -7.53 30.25
N VAL A 219 -1.51 -7.72 31.43
CA VAL A 219 -0.22 -8.37 31.58
C VAL A 219 -0.45 -9.79 32.05
N ASP A 220 0.11 -10.76 31.33
CA ASP A 220 -0.12 -12.17 31.59
C ASP A 220 1.20 -12.91 31.72
N LYS A 221 1.37 -13.64 32.82
CA LYS A 221 2.55 -14.45 33.01
C LYS A 221 2.44 -15.76 32.25
N LYS A 222 3.56 -16.21 31.69
CA LYS A 222 3.58 -17.46 30.90
C LYS A 222 4.39 -18.53 31.63
N VAL A 223 3.71 -19.36 32.41
CA VAL A 223 4.34 -20.42 33.18
C VAL A 223 4.44 -21.68 32.32
N GLU A 224 5.31 -22.59 32.74
CA GLU A 224 5.58 -23.81 31.98
C GLU A 224 4.48 -24.86 32.04
N PRO A 225 3.77 -25.06 33.18
CA PRO A 225 2.90 -26.25 33.13
C PRO A 225 1.60 -26.03 32.35
N GLU B 1 -12.15 0.06 -19.19
CA GLU B 1 -11.16 0.84 -18.48
C GLU B 1 -9.81 0.13 -18.49
N ILE B 2 -8.72 0.92 -18.48
CA ILE B 2 -7.39 0.37 -18.61
C ILE B 2 -7.00 -0.35 -17.32
N VAL B 3 -6.60 -1.61 -17.45
CA VAL B 3 -6.18 -2.44 -16.33
C VAL B 3 -4.68 -2.69 -16.44
N LEU B 4 -3.96 -2.37 -15.37
CA LEU B 4 -2.51 -2.57 -15.32
C LEU B 4 -2.21 -3.91 -14.66
N THR B 5 -1.47 -4.76 -15.38
CA THR B 5 -1.07 -6.07 -14.88
C THR B 5 0.45 -6.10 -14.75
N GLN B 6 0.93 -6.54 -13.60
CA GLN B 6 2.39 -6.54 -13.33
C GLN B 6 2.92 -7.97 -13.31
N SER B 7 4.16 -8.16 -13.73
CA SER B 7 4.81 -9.49 -13.71
C SER B 7 6.28 -9.30 -13.36
N PRO B 8 6.87 -10.16 -12.51
CA PRO B 8 6.15 -11.30 -11.96
C PRO B 8 5.32 -10.95 -10.71
N VAL B 9 4.74 -11.95 -10.06
CA VAL B 9 3.99 -11.69 -8.79
C VAL B 9 5.03 -11.60 -7.68
N THR B 10 5.89 -12.61 -7.57
CA THR B 10 6.97 -12.55 -6.60
C THR B 10 8.28 -12.81 -7.31
N LEU B 11 9.28 -11.97 -7.03
CA LEU B 11 10.62 -12.12 -7.59
C LEU B 11 11.57 -12.50 -6.45
N SER B 12 12.15 -13.69 -6.55
CA SER B 12 13.06 -14.21 -5.51
C SER B 12 14.48 -14.07 -6.04
N LEU B 13 15.12 -12.95 -5.71
CA LEU B 13 16.50 -12.70 -6.17
C LEU B 13 17.43 -12.54 -4.96
N SER B 14 18.73 -12.43 -5.21
CA SER B 14 19.72 -12.32 -4.11
C SER B 14 20.38 -10.93 -4.16
N PRO B 15 20.86 -10.38 -3.04
CA PRO B 15 21.56 -9.10 -3.05
C PRO B 15 22.69 -9.11 -4.09
N GLY B 16 22.82 -8.04 -4.87
CA GLY B 16 23.89 -7.94 -5.87
C GLY B 16 23.44 -8.34 -7.26
N GLU B 17 22.24 -8.89 -7.38
CA GLU B 17 21.75 -9.38 -8.70
C GLU B 17 20.96 -8.28 -9.42
N ARG B 18 20.79 -8.40 -10.74
CA ARG B 18 19.99 -7.45 -11.49
C ARG B 18 18.53 -7.89 -11.51
N ALA B 19 17.63 -6.96 -11.22
CA ALA B 19 16.21 -7.24 -11.15
C ALA B 19 15.48 -6.56 -12.30
N THR B 20 14.45 -7.24 -12.82
CA THR B 20 13.63 -6.73 -13.90
C THR B 20 12.16 -6.95 -13.56
N LEU B 21 11.38 -5.88 -13.59
CA LEU B 21 9.95 -5.93 -13.31
C LEU B 21 9.19 -5.44 -14.53
N SER B 22 8.02 -6.04 -14.77
CA SER B 22 7.23 -5.72 -15.98
C SER B 22 5.83 -5.21 -15.65
N CYS B 23 5.39 -4.15 -16.32
CA CYS B 23 4.02 -3.61 -16.13
C CYS B 23 3.36 -3.54 -17.50
N ARG B 24 2.27 -4.28 -17.71
CA ARG B 24 1.64 -4.33 -19.05
C ARG B 24 0.25 -3.70 -18.96
N ALA B 25 -0.08 -2.82 -19.90
CA ALA B 25 -1.37 -2.10 -19.85
C ALA B 25 -2.29 -2.59 -20.95
N SER B 26 -3.58 -2.75 -20.64
CA SER B 26 -4.55 -3.22 -21.62
C SER B 26 -4.67 -2.26 -22.80
N GLN B 27 -4.45 -0.97 -22.56
CA GLN B 27 -4.42 0.02 -23.62
C GLN B 27 -3.25 0.96 -23.37
N SER B 28 -2.80 1.63 -24.43
CA SER B 28 -1.60 2.44 -24.36
C SER B 28 -1.79 3.61 -23.39
N VAL B 29 -0.80 3.81 -22.53
CA VAL B 29 -0.73 5.01 -21.70
C VAL B 29 0.37 5.97 -22.16
N SER B 30 1.34 5.50 -22.94
CA SER B 30 2.27 6.33 -23.69
C SER B 30 3.13 7.20 -22.76
N SER B 31 4.00 6.52 -22.01
CA SER B 31 4.98 7.10 -21.11
C SER B 31 4.35 7.79 -19.89
N TYR B 32 3.03 7.85 -19.79
CA TYR B 32 2.39 8.36 -18.58
C TYR B 32 2.35 7.26 -17.52
N LEU B 33 3.51 6.69 -17.23
CA LEU B 33 3.63 5.54 -16.34
C LEU B 33 4.54 5.92 -15.18
N ALA B 34 4.07 5.65 -13.96
CA ALA B 34 4.83 5.94 -12.74
C ALA B 34 5.13 4.65 -12.00
N TRP B 35 6.26 4.63 -11.31
CA TRP B 35 6.70 3.48 -10.53
C TRP B 35 6.83 3.88 -9.07
N TYR B 36 6.21 3.09 -8.19
CA TYR B 36 6.23 3.34 -6.76
C TYR B 36 6.88 2.16 -6.05
N GLN B 37 7.39 2.42 -4.84
CA GLN B 37 7.96 1.33 -4.00
C GLN B 37 7.35 1.45 -2.59
N GLN B 38 6.77 0.37 -2.09
CA GLN B 38 6.22 0.40 -0.71
C GLN B 38 7.01 -0.57 0.17
N LYS B 39 7.86 -0.03 1.05
CA LYS B 39 8.57 -0.90 2.02
C LYS B 39 7.55 -1.16 3.13
N PRO B 40 7.50 -2.35 3.74
CA PRO B 40 6.44 -2.67 4.71
C PRO B 40 6.48 -1.74 5.91
N GLY B 41 5.30 -1.22 6.26
CA GLY B 41 5.17 -0.30 7.37
C GLY B 41 5.19 1.17 6.99
N GLN B 42 5.53 1.49 5.75
CA GLN B 42 5.63 2.87 5.30
C GLN B 42 4.73 3.10 4.08
N ALA B 43 4.63 4.36 3.69
CA ALA B 43 3.85 4.77 2.54
C ALA B 43 4.65 4.59 1.26
N PRO B 44 3.98 4.49 0.11
CA PRO B 44 4.71 4.34 -1.16
C PRO B 44 5.57 5.55 -1.46
N ARG B 45 6.70 5.29 -2.13
CA ARG B 45 7.65 6.33 -2.50
C ARG B 45 7.83 6.32 -4.02
N LEU B 46 7.78 7.51 -4.62
CA LEU B 46 7.91 7.62 -6.07
C LEU B 46 9.35 7.35 -6.48
N LEU B 47 9.51 6.48 -7.49
CA LEU B 47 10.82 6.11 -8.00
C LEU B 47 11.03 6.65 -9.41
N ILE B 48 10.17 6.29 -10.35
CA ILE B 48 10.29 6.67 -11.75
C ILE B 48 9.02 7.42 -12.16
N TYR B 49 9.19 8.56 -12.80
CA TYR B 49 8.08 9.32 -13.35
C TYR B 49 8.28 9.52 -14.84
N ASP B 50 7.16 9.61 -15.56
CA ASP B 50 7.17 9.72 -17.03
C ASP B 50 7.92 8.55 -17.65
N ALA B 51 7.73 7.36 -17.07
CA ALA B 51 8.21 6.08 -17.60
C ALA B 51 9.71 5.89 -17.50
N SER B 52 10.50 6.94 -17.70
CA SER B 52 11.95 6.80 -17.77
C SER B 52 12.74 7.74 -16.88
N ASN B 53 12.10 8.80 -16.37
CA ASN B 53 12.85 9.82 -15.60
C ASN B 53 12.92 9.41 -14.12
N ARG B 54 14.10 9.50 -13.53
CA ARG B 54 14.30 9.07 -12.12
C ARG B 54 13.90 10.21 -11.17
N ALA B 55 13.26 9.86 -10.06
CA ALA B 55 12.79 10.91 -9.13
C ALA B 55 13.99 11.49 -8.37
N THR B 56 13.80 12.64 -7.73
CA THR B 56 14.88 13.31 -7.03
C THR B 56 15.32 12.48 -5.83
N GLY B 57 16.61 12.14 -5.77
CA GLY B 57 17.18 11.43 -4.65
C GLY B 57 17.21 9.92 -4.79
N ILE B 58 16.61 9.37 -5.83
CA ILE B 58 16.60 7.91 -6.01
C ILE B 58 17.95 7.46 -6.55
N PRO B 59 18.54 6.40 -6.00
CA PRO B 59 19.84 5.94 -6.50
C PRO B 59 19.79 5.54 -7.98
N ALA B 60 20.91 5.74 -8.67
CA ALA B 60 20.97 5.51 -10.11
C ALA B 60 20.82 4.04 -10.49
N ARG B 61 20.82 3.12 -9.52
CA ARG B 61 20.61 1.71 -9.83
C ARG B 61 19.19 1.44 -10.33
N PHE B 62 18.23 2.30 -10.00
CA PHE B 62 16.88 2.16 -10.51
C PHE B 62 16.76 2.80 -11.88
N SER B 63 16.17 2.09 -12.83
CA SER B 63 16.02 2.58 -14.19
C SER B 63 14.64 2.26 -14.71
N GLY B 64 14.06 3.20 -15.46
CA GLY B 64 12.72 3.00 -16.04
C GLY B 64 12.79 2.92 -17.55
N SER B 65 11.90 2.15 -18.16
CA SER B 65 11.88 1.99 -19.64
C SER B 65 10.48 1.58 -20.09
N GLY B 66 10.16 1.80 -21.36
CA GLY B 66 8.87 1.35 -21.89
C GLY B 66 7.99 2.48 -22.38
N SER B 67 7.12 2.19 -23.35
CA SER B 67 6.16 3.20 -23.86
C SER B 67 4.96 2.45 -24.45
N GLY B 68 3.75 2.91 -24.17
CA GLY B 68 2.55 2.30 -24.76
C GLY B 68 1.94 1.23 -23.87
N THR B 69 2.25 -0.04 -24.12
CA THR B 69 1.62 -1.15 -23.37
C THR B 69 2.65 -1.88 -22.51
N ASP B 70 3.95 -1.77 -22.84
CA ASP B 70 4.96 -2.51 -22.11
C ASP B 70 5.88 -1.55 -21.38
N PHE B 71 6.21 -1.88 -20.14
CA PHE B 71 7.09 -1.06 -19.32
C PHE B 71 7.96 -1.96 -18.46
N THR B 72 9.15 -1.47 -18.12
CA THR B 72 10.14 -2.26 -17.41
C THR B 72 10.84 -1.39 -16.37
N LEU B 73 10.95 -1.91 -15.15
CA LEU B 73 11.74 -1.22 -14.11
C LEU B 73 12.96 -2.10 -13.83
N THR B 74 14.16 -1.58 -14.08
CA THR B 74 15.39 -2.38 -13.86
C THR B 74 16.13 -1.87 -12.62
N ILE B 75 16.44 -2.78 -11.70
CA ILE B 75 17.26 -2.39 -10.52
C ILE B 75 18.54 -3.22 -10.60
N SER B 76 19.62 -2.64 -11.10
CA SER B 76 20.94 -3.32 -11.11
C SER B 76 21.51 -3.26 -9.69
N SER B 77 22.45 -4.15 -9.36
CA SER B 77 23.08 -4.12 -8.02
C SER B 77 22.01 -3.93 -6.94
N LEU B 78 21.18 -4.95 -6.73
CA LEU B 78 20.12 -4.86 -5.69
C LEU B 78 20.78 -4.61 -4.34
N GLU B 79 20.53 -3.45 -3.73
CA GLU B 79 21.04 -3.17 -2.37
C GLU B 79 20.00 -3.70 -1.38
N PRO B 80 20.41 -4.31 -0.25
CA PRO B 80 19.45 -4.95 0.66
C PRO B 80 18.21 -4.12 0.97
N GLU B 81 18.31 -2.79 0.87
CA GLU B 81 17.16 -1.94 1.16
C GLU B 81 16.12 -1.95 0.05
N ASP B 82 16.44 -2.49 -1.12
CA ASP B 82 15.53 -2.43 -2.27
C ASP B 82 14.48 -3.52 -2.27
N PHE B 83 14.60 -4.53 -1.41
CA PHE B 83 13.66 -5.65 -1.41
C PHE B 83 12.36 -5.18 -0.76
N ALA B 84 11.36 -4.92 -1.59
CA ALA B 84 10.06 -4.45 -1.12
C ALA B 84 9.02 -4.74 -2.19
N VAL B 85 7.88 -4.03 -2.13
CA VAL B 85 6.80 -4.16 -3.11
C VAL B 85 6.87 -2.99 -4.07
N TYR B 86 6.69 -3.27 -5.35
CA TYR B 86 6.81 -2.27 -6.41
C TYR B 86 5.52 -2.24 -7.21
N TYR B 87 4.90 -1.06 -7.29
CA TYR B 87 3.67 -0.86 -8.04
C TYR B 87 3.94 0.05 -9.24
N CYS B 88 3.21 -0.21 -10.32
CA CYS B 88 3.18 0.69 -11.46
C CYS B 88 1.80 1.34 -11.53
N GLN B 89 1.77 2.62 -11.91
CA GLN B 89 0.53 3.38 -11.96
C GLN B 89 0.48 4.22 -13.23
N GLN B 90 -0.63 4.13 -13.94
CA GLN B 90 -0.82 4.93 -15.15
C GLN B 90 -1.18 6.37 -14.78
N ARG B 91 -0.82 7.30 -15.67
CA ARG B 91 -1.09 8.71 -15.47
C ARG B 91 -1.65 9.34 -16.73
N SER B 92 -2.36 8.56 -17.54
CA SER B 92 -2.84 9.00 -18.84
C SER B 92 -4.33 9.33 -18.76
N ASN B 93 -4.71 10.46 -19.35
CA ASN B 93 -6.11 10.86 -19.53
C ASN B 93 -6.86 10.91 -18.20
N TRP B 94 -6.22 11.48 -17.18
CA TRP B 94 -6.83 11.75 -15.87
C TRP B 94 -7.29 10.48 -15.16
N MET B 95 -6.72 9.32 -15.50
CA MET B 95 -7.02 8.06 -14.82
C MET B 95 -5.72 7.54 -14.22
N TYR B 96 -5.73 7.32 -12.91
CA TYR B 96 -4.52 6.93 -12.20
C TYR B 96 -4.65 5.52 -11.62
N THR B 97 -5.01 4.56 -12.48
CA THR B 97 -5.19 3.19 -12.03
C THR B 97 -3.85 2.57 -11.65
N PHE B 98 -3.88 1.74 -10.61
CA PHE B 98 -2.69 1.07 -10.10
C PHE B 98 -2.58 -0.35 -10.64
N GLY B 99 -1.36 -0.88 -10.57
CA GLY B 99 -1.14 -2.29 -10.86
C GLY B 99 -1.29 -3.15 -9.62
N GLN B 100 -1.32 -4.46 -9.83
CA GLN B 100 -1.49 -5.38 -8.71
C GLN B 100 -0.27 -5.36 -7.78
N GLY B 101 0.91 -5.15 -8.33
CA GLY B 101 2.13 -5.09 -7.53
C GLY B 101 2.99 -6.33 -7.74
N THR B 102 4.21 -6.23 -7.21
CA THR B 102 5.17 -7.32 -7.30
C THR B 102 6.03 -7.31 -6.04
N LYS B 103 6.16 -8.48 -5.42
CA LYS B 103 6.96 -8.63 -4.20
C LYS B 103 8.39 -9.02 -4.59
N LEU B 104 9.36 -8.22 -4.15
CA LEU B 104 10.78 -8.50 -4.35
C LEU B 104 11.33 -9.05 -3.04
N GLU B 105 11.48 -10.37 -2.98
CA GLU B 105 11.96 -11.04 -1.78
C GLU B 105 13.37 -11.59 -2.02
N ILE B 106 13.99 -12.04 -0.94
CA ILE B 106 15.37 -12.51 -0.95
C ILE B 106 15.39 -14.02 -1.13
N LYS B 107 16.18 -14.48 -2.09
CA LYS B 107 16.31 -15.90 -2.38
C LYS B 107 17.50 -16.44 -1.60
N ARG B 108 17.20 -17.20 -0.55
CA ARG B 108 18.21 -17.81 0.30
C ARG B 108 18.16 -19.32 0.18
N THR B 109 18.97 -20.00 0.99
CA THR B 109 18.93 -21.44 1.04
C THR B 109 17.61 -21.92 1.61
N VAL B 110 17.26 -23.17 1.30
CA VAL B 110 15.99 -23.73 1.76
C VAL B 110 16.04 -23.94 3.26
N ALA B 111 15.04 -23.40 3.97
CA ALA B 111 14.90 -23.56 5.40
C ALA B 111 13.52 -24.11 5.70
N ALA B 112 13.46 -25.09 6.53
CA ALA B 112 12.27 -25.82 6.92
C ALA B 112 11.81 -25.38 8.31
N PRO B 113 10.51 -25.47 8.60
CA PRO B 113 10.00 -24.87 9.84
C PRO B 113 10.17 -25.76 11.05
N SER B 114 10.30 -25.11 12.20
CA SER B 114 10.24 -25.78 13.50
C SER B 114 8.78 -25.74 13.97
N VAL B 115 8.15 -26.90 14.03
CA VAL B 115 6.71 -27.01 14.26
C VAL B 115 6.46 -27.21 15.75
N PHE B 116 5.69 -26.30 16.34
CA PHE B 116 5.27 -26.40 17.74
C PHE B 116 3.76 -26.30 17.80
N ILE B 117 3.15 -27.08 18.69
CA ILE B 117 1.70 -27.09 18.87
C ILE B 117 1.39 -26.67 20.30
N PHE B 118 0.30 -25.92 20.47
CA PHE B 118 -0.10 -25.39 21.77
C PHE B 118 -1.53 -25.81 22.10
N PRO B 119 -1.76 -26.65 23.14
CA PRO B 119 -3.12 -27.00 23.55
C PRO B 119 -3.90 -25.81 24.12
N PRO B 120 -5.25 -25.87 24.10
CA PRO B 120 -6.08 -24.78 24.61
C PRO B 120 -5.91 -24.48 26.10
N SER B 121 -6.01 -23.20 26.47
CA SER B 121 -5.84 -22.78 27.88
C SER B 121 -7.06 -23.18 28.71
N ASP B 122 -6.87 -23.34 30.02
CA ASP B 122 -7.98 -23.76 30.92
C ASP B 122 -8.88 -22.55 31.20
N GLU B 123 -8.32 -21.34 31.09
CA GLU B 123 -9.11 -20.09 31.22
C GLU B 123 -10.04 -19.94 30.02
N GLN B 124 -9.59 -20.29 28.81
CA GLN B 124 -10.42 -20.10 27.60
C GLN B 124 -11.56 -21.13 27.62
N LEU B 125 -11.29 -22.30 28.20
CA LEU B 125 -12.32 -23.37 28.23
C LEU B 125 -13.44 -22.94 29.18
N LYS B 126 -13.10 -22.23 30.25
CA LYS B 126 -14.17 -21.69 31.13
C LYS B 126 -14.98 -20.68 30.32
N SER B 127 -14.31 -19.91 29.47
CA SER B 127 -14.99 -18.89 28.64
C SER B 127 -15.95 -19.56 27.67
N GLY B 128 -15.78 -20.86 27.43
CA GLY B 128 -16.70 -21.58 26.57
C GLY B 128 -16.13 -22.07 25.25
N THR B 129 -14.92 -21.67 24.89
CA THR B 129 -14.32 -22.05 23.63
C THR B 129 -12.93 -22.63 23.84
N ALA B 130 -12.36 -23.19 22.78
CA ALA B 130 -11.03 -23.78 22.81
C ALA B 130 -10.31 -23.43 21.51
N SER B 131 -9.07 -22.98 21.63
CA SER B 131 -8.27 -22.58 20.48
C SER B 131 -6.93 -23.30 20.54
N VAL B 132 -6.63 -24.08 19.51
CA VAL B 132 -5.36 -24.78 19.37
C VAL B 132 -4.52 -24.07 18.33
N VAL B 133 -3.23 -23.90 18.62
CA VAL B 133 -2.33 -23.10 17.80
C VAL B 133 -1.16 -23.98 17.34
N CYS B 134 -0.83 -23.87 16.05
CA CYS B 134 0.34 -24.50 15.47
C CYS B 134 1.26 -23.41 14.94
N LEU B 135 2.55 -23.52 15.22
CA LEU B 135 3.52 -22.52 14.85
C LEU B 135 4.61 -23.12 13.97
N LEU B 136 4.85 -22.49 12.82
CA LEU B 136 5.92 -22.87 11.90
C LEU B 136 6.92 -21.73 11.89
N ASN B 137 8.09 -21.96 12.49
CA ASN B 137 9.06 -20.90 12.75
C ASN B 137 10.25 -21.01 11.81
N ASN B 138 10.56 -19.90 11.13
CA ASN B 138 11.77 -19.75 10.33
C ASN B 138 11.87 -20.78 9.22
N PHE B 139 11.26 -20.47 8.08
CA PHE B 139 11.29 -21.42 6.92
C PHE B 139 11.39 -20.68 5.59
N TYR B 140 12.00 -21.32 4.59
CA TYR B 140 12.07 -20.76 3.22
C TYR B 140 12.16 -21.93 2.24
N PRO B 141 11.26 -22.05 1.26
CA PRO B 141 10.44 -20.93 0.78
C PRO B 141 9.19 -20.61 1.62
N ARG B 142 8.44 -19.58 1.25
CA ARG B 142 7.23 -19.16 2.00
C ARG B 142 6.11 -20.16 1.78
N GLU B 143 6.19 -20.98 0.74
CA GLU B 143 5.11 -21.92 0.42
C GLU B 143 5.11 -23.08 1.42
N ALA B 144 4.08 -23.14 2.25
CA ALA B 144 3.90 -24.22 3.21
C ALA B 144 2.43 -24.57 3.30
N LYS B 145 2.16 -25.83 3.67
CA LYS B 145 0.80 -26.33 3.80
C LYS B 145 0.61 -26.90 5.20
N VAL B 146 -0.34 -26.33 5.94
CA VAL B 146 -0.68 -26.79 7.28
C VAL B 146 -2.08 -27.37 7.24
N GLN B 147 -2.26 -28.53 7.86
CA GLN B 147 -3.54 -29.23 7.84
C GLN B 147 -3.85 -29.73 9.25
N TRP B 148 -4.92 -29.22 9.85
CA TRP B 148 -5.38 -29.71 11.13
C TRP B 148 -6.16 -31.00 10.96
N LYS B 149 -5.95 -31.94 11.87
CA LYS B 149 -6.61 -33.24 11.84
C LYS B 149 -7.04 -33.61 13.25
N VAL B 150 -8.34 -33.66 13.48
CA VAL B 150 -8.91 -34.03 14.78
C VAL B 150 -9.38 -35.47 14.68
N ASP B 151 -8.70 -36.37 15.40
CA ASP B 151 -9.00 -37.80 15.37
C ASP B 151 -8.99 -38.34 13.93
N ASN B 152 -7.98 -37.91 13.19
CA ASN B 152 -7.82 -38.38 11.79
C ASN B 152 -8.89 -37.77 10.88
N ALA B 153 -9.42 -36.60 11.25
CA ALA B 153 -10.45 -35.93 10.43
C ALA B 153 -9.96 -34.54 10.00
N LEU B 154 -9.81 -34.32 8.69
CA LEU B 154 -9.29 -33.03 8.19
C LEU B 154 -10.32 -31.95 8.50
N GLN B 155 -9.91 -30.92 9.25
CA GLN B 155 -10.84 -29.83 9.64
C GLN B 155 -10.79 -28.76 8.55
N SER B 156 -11.95 -28.28 8.10
CA SER B 156 -12.02 -27.25 7.03
C SER B 156 -13.00 -26.15 7.42
N GLY B 157 -12.53 -24.90 7.49
CA GLY B 157 -13.41 -23.77 7.79
C GLY B 157 -13.29 -23.26 9.20
N ASN B 158 -12.48 -23.94 10.02
CA ASN B 158 -12.38 -23.56 11.46
C ASN B 158 -10.93 -23.16 11.76
N SER B 159 -10.12 -22.99 10.73
CA SER B 159 -8.69 -22.67 10.92
C SER B 159 -8.37 -21.32 10.28
N GLN B 160 -7.72 -20.42 11.03
CA GLN B 160 -7.29 -19.12 10.47
C GLN B 160 -5.79 -18.98 10.68
N GLU B 161 -5.04 -18.71 9.60
CA GLU B 161 -3.60 -18.61 9.68
C GLU B 161 -3.13 -17.23 9.23
N SER B 162 -1.98 -16.83 9.73
CA SER B 162 -1.36 -15.56 9.37
C SER B 162 0.15 -15.75 9.27
N VAL B 163 0.74 -15.18 8.22
CA VAL B 163 2.16 -15.31 7.95
C VAL B 163 2.85 -13.98 8.27
N THR B 164 4.08 -14.08 8.74
CA THR B 164 4.89 -12.90 9.00
C THR B 164 5.71 -12.53 7.76
N GLU B 165 6.22 -11.31 7.76
CA GLU B 165 7.06 -10.84 6.67
C GLU B 165 8.46 -11.44 6.79
N GLN B 166 9.19 -11.40 5.68
CA GLN B 166 10.54 -11.98 5.66
C GLN B 166 11.44 -11.27 6.65
N ASP B 167 12.05 -12.05 7.54
CA ASP B 167 12.91 -11.49 8.57
C ASP B 167 14.17 -10.91 7.94
N SER B 168 14.64 -9.79 8.52
CA SER B 168 15.78 -9.08 7.97
C SER B 168 17.13 -9.69 8.34
N LYS B 169 17.15 -10.81 9.04
CA LYS B 169 18.39 -11.48 9.43
C LYS B 169 18.58 -12.80 8.72
N ASP B 170 17.66 -13.75 8.89
CA ASP B 170 17.77 -15.06 8.27
C ASP B 170 16.91 -15.20 7.01
N SER B 171 16.16 -14.16 6.64
CA SER B 171 15.36 -14.14 5.42
C SER B 171 14.34 -15.29 5.39
N THR B 172 13.68 -15.52 6.52
CA THR B 172 12.71 -16.61 6.63
C THR B 172 11.34 -16.06 6.95
N TYR B 173 10.35 -16.94 6.92
CA TYR B 173 8.98 -16.62 7.26
C TYR B 173 8.53 -17.45 8.45
N SER B 174 7.41 -17.04 9.05
CA SER B 174 6.81 -17.76 10.16
C SER B 174 5.30 -17.77 9.99
N LEU B 175 4.67 -18.88 10.38
CA LEU B 175 3.24 -19.07 10.20
C LEU B 175 2.62 -19.48 11.53
N SER B 176 1.39 -19.02 11.77
CA SER B 176 0.66 -19.36 12.99
C SER B 176 -0.78 -19.67 12.60
N SER B 177 -1.14 -20.94 12.63
CA SER B 177 -2.50 -21.39 12.36
C SER B 177 -3.24 -21.64 13.67
N THR B 178 -4.50 -21.24 13.73
CA THR B 178 -5.31 -21.35 14.92
C THR B 178 -6.60 -22.08 14.61
N LEU B 179 -6.88 -23.15 15.36
CA LEU B 179 -8.11 -23.92 15.23
C LEU B 179 -8.99 -23.63 16.43
N THR B 180 -10.13 -23.00 16.20
CA THR B 180 -11.06 -22.64 17.26
C THR B 180 -12.21 -23.64 17.28
N LEU B 181 -12.47 -24.22 18.44
CA LEU B 181 -13.53 -25.21 18.60
C LEU B 181 -14.30 -24.91 19.87
N SER B 182 -15.59 -25.23 19.85
CA SER B 182 -16.43 -25.09 21.02
C SER B 182 -16.00 -26.08 22.09
N LYS B 183 -16.28 -25.73 23.36
CA LYS B 183 -16.03 -26.67 24.45
C LYS B 183 -16.86 -27.93 24.30
N ALA B 184 -17.97 -27.88 23.57
CA ALA B 184 -18.79 -29.07 23.37
C ALA B 184 -18.15 -30.02 22.37
N ASP B 185 -17.71 -29.48 21.22
CA ASP B 185 -17.13 -30.36 20.16
C ASP B 185 -15.75 -30.81 20.64
N TYR B 186 -14.97 -29.89 21.19
CA TYR B 186 -13.70 -30.33 21.83
C TYR B 186 -14.20 -31.11 23.04
N GLU B 187 -13.40 -32.05 23.54
CA GLU B 187 -13.84 -32.94 24.66
C GLU B 187 -14.57 -34.14 24.06
N LYS B 188 -15.47 -33.90 23.11
CA LYS B 188 -16.13 -35.03 22.40
C LYS B 188 -15.06 -35.83 21.67
N HIS B 189 -13.92 -35.21 21.38
CA HIS B 189 -12.84 -35.90 20.61
C HIS B 189 -11.59 -36.02 21.49
N LYS B 190 -10.50 -36.60 20.98
CA LYS B 190 -9.33 -36.85 21.82
C LYS B 190 -8.02 -36.40 21.17
N VAL B 191 -7.72 -36.90 19.98
CA VAL B 191 -6.44 -36.64 19.33
C VAL B 191 -6.56 -35.38 18.47
N TYR B 192 -5.63 -34.44 18.68
CA TYR B 192 -5.56 -33.21 17.91
C TYR B 192 -4.15 -33.08 17.35
N ALA B 193 -4.03 -33.02 16.02
CA ALA B 193 -2.74 -33.05 15.35
C ALA B 193 -2.62 -31.85 14.41
N CYS B 194 -1.39 -31.64 13.94
CA CYS B 194 -1.08 -30.53 13.02
C CYS B 194 -0.03 -31.03 12.02
N GLU B 195 -0.46 -31.28 10.79
CA GLU B 195 0.43 -31.77 9.75
C GLU B 195 1.04 -30.60 8.98
N VAL B 196 2.33 -30.71 8.68
CA VAL B 196 3.07 -29.65 8.01
C VAL B 196 3.82 -30.25 6.83
N THR B 197 3.70 -29.61 5.66
CA THR B 197 4.41 -30.00 4.46
C THR B 197 5.22 -28.82 3.96
N HIS B 198 6.50 -29.03 3.68
CA HIS B 198 7.38 -27.97 3.22
C HIS B 198 8.47 -28.56 2.34
N GLN B 199 9.12 -27.68 1.58
CA GLN B 199 10.19 -28.11 0.68
C GLN B 199 11.38 -28.66 1.45
N GLY B 200 11.78 -27.97 2.52
CA GLY B 200 12.87 -28.42 3.37
C GLY B 200 12.58 -29.65 4.21
N LEU B 201 11.45 -30.34 3.98
CA LEU B 201 11.05 -31.50 4.78
C LEU B 201 11.03 -32.72 3.86
N SER B 202 11.83 -33.72 4.20
CA SER B 202 11.83 -34.96 3.41
C SER B 202 10.48 -35.66 3.50
N SER B 203 9.88 -35.68 4.70
CA SER B 203 8.59 -36.29 4.94
C SER B 203 7.70 -35.32 5.70
N PRO B 204 6.39 -35.46 5.57
CA PRO B 204 5.47 -34.60 6.35
C PRO B 204 5.68 -34.80 7.84
N VAL B 205 5.61 -33.71 8.58
CA VAL B 205 5.83 -33.70 10.02
C VAL B 205 4.50 -33.45 10.72
N THR B 206 4.25 -34.17 11.81
CA THR B 206 3.01 -34.09 12.55
C THR B 206 3.31 -33.83 14.02
N LYS B 207 2.70 -32.78 14.56
CA LYS B 207 2.82 -32.47 16.01
C LYS B 207 1.42 -32.68 16.59
N SER B 208 1.28 -33.58 17.55
CA SER B 208 -0.07 -33.94 18.07
C SER B 208 -0.12 -33.92 19.59
N PHE B 209 -1.32 -33.95 20.15
CA PHE B 209 -1.50 -34.00 21.62
C PHE B 209 -2.80 -34.75 21.91
N ASN B 210 -2.84 -35.45 23.03
CA ASN B 210 -4.11 -36.12 23.45
C ASN B 210 -4.56 -35.44 24.75
N ARG B 211 -5.74 -34.82 24.74
CA ARG B 211 -6.22 -34.08 25.93
C ARG B 211 -6.16 -34.98 27.16
N GLY B 212 -5.68 -34.45 28.29
CA GLY B 212 -5.52 -35.28 29.50
C GLY B 212 -4.07 -35.64 29.73
N HIS C 5 -8.29 37.39 -16.05
CA HIS C 5 -9.17 36.39 -16.71
C HIS C 5 -9.21 36.67 -18.21
N ARG C 6 -8.24 37.45 -18.70
CA ARG C 6 -8.23 37.83 -20.14
C ARG C 6 -7.53 36.73 -20.96
N LYS C 7 -8.10 36.38 -22.10
CA LYS C 7 -7.53 35.30 -22.95
C LYS C 7 -6.13 35.64 -23.41
N PRO C 8 -5.13 34.75 -23.26
CA PRO C 8 -3.79 35.00 -23.81
C PRO C 8 -3.72 34.63 -25.29
N SER C 9 -2.52 34.65 -25.85
CA SER C 9 -2.31 34.32 -27.25
C SER C 9 -1.35 33.14 -27.37
N LEU C 10 -1.60 32.28 -28.35
CA LEU C 10 -0.82 31.07 -28.55
C LEU C 10 -0.38 30.99 -30.00
N LEU C 11 0.90 30.72 -30.22
CA LEU C 11 1.47 30.61 -31.55
C LEU C 11 2.40 29.41 -31.60
N ALA C 12 2.64 28.92 -32.82
CA ALA C 12 3.53 27.76 -33.00
C ALA C 12 4.64 28.13 -33.96
N HIS C 13 5.87 27.77 -33.62
CA HIS C 13 7.04 28.10 -34.48
C HIS C 13 7.81 26.80 -34.74
N PRO C 14 8.12 26.47 -36.00
CA PRO C 14 7.98 27.39 -37.11
C PRO C 14 6.55 27.42 -37.65
N GLY C 15 5.72 26.48 -37.19
CA GLY C 15 4.32 26.42 -37.65
C GLY C 15 3.56 25.30 -36.98
N PRO C 16 2.25 25.16 -37.24
CA PRO C 16 1.42 24.11 -36.60
C PRO C 16 1.62 22.75 -37.24
N LEU C 17 1.91 22.73 -38.54
CA LEU C 17 2.15 21.46 -39.25
C LEU C 17 3.60 21.05 -39.03
N VAL C 18 3.82 19.91 -38.37
CA VAL C 18 5.22 19.53 -38.01
C VAL C 18 5.60 18.19 -38.64
N LYS C 19 6.89 18.00 -38.88
CA LYS C 19 7.38 16.71 -39.44
C LYS C 19 7.74 15.79 -38.27
N SER C 20 7.82 14.49 -38.53
CA SER C 20 8.10 13.52 -37.46
C SER C 20 9.50 13.74 -36.88
N GLU C 21 9.67 13.50 -35.58
CA GLU C 21 10.97 13.61 -34.91
C GLU C 21 11.53 15.03 -35.00
N GLU C 22 10.64 16.03 -34.94
CA GLU C 22 11.03 17.42 -35.01
C GLU C 22 10.43 18.17 -33.82
N THR C 23 11.18 19.12 -33.28
CA THR C 23 10.78 19.91 -32.12
C THR C 23 10.13 21.22 -32.57
N VAL C 24 9.10 21.64 -31.85
CA VAL C 24 8.44 22.91 -32.10
C VAL C 24 8.33 23.69 -30.80
N ILE C 25 8.18 25.01 -30.95
CA ILE C 25 8.00 25.92 -29.83
C ILE C 25 6.57 26.47 -29.91
N LEU C 26 5.84 26.35 -28.82
CA LEU C 26 4.48 26.88 -28.71
C LEU C 26 4.52 28.07 -27.76
N GLN C 27 4.68 29.26 -28.33
CA GLN C 27 4.81 30.47 -27.53
C GLN C 27 3.45 30.91 -27.00
N CYS C 28 3.40 31.23 -25.71
CA CYS C 28 2.19 31.70 -25.06
C CYS C 28 2.50 33.01 -24.35
N TRP C 29 1.82 34.08 -24.75
CA TRP C 29 2.10 35.40 -24.20
C TRP C 29 0.80 36.19 -24.12
N SER C 30 0.87 37.30 -23.38
CA SER C 30 -0.24 38.21 -23.21
C SER C 30 0.28 39.50 -22.57
N ASP C 31 -0.43 40.60 -22.81
CA ASP C 31 -0.06 41.86 -22.19
C ASP C 31 -0.30 41.84 -20.68
N VAL C 32 -1.20 40.98 -20.20
CA VAL C 32 -1.40 40.83 -18.77
C VAL C 32 -0.19 40.12 -18.16
N ARG C 33 0.20 40.55 -16.96
CA ARG C 33 1.36 39.98 -16.27
C ARG C 33 0.97 38.64 -15.67
N PHE C 34 0.89 37.63 -16.54
CA PHE C 34 0.59 36.27 -16.11
C PHE C 34 1.82 35.63 -15.49
N GLN C 35 1.68 35.09 -14.28
CA GLN C 35 2.84 34.50 -13.57
C GLN C 35 2.98 33.02 -13.90
N HIS C 36 1.87 32.36 -14.22
CA HIS C 36 1.90 30.94 -14.60
C HIS C 36 1.20 30.77 -15.92
N PHE C 37 1.84 30.06 -16.85
CA PHE C 37 1.27 29.75 -18.15
C PHE C 37 1.05 28.25 -18.26
N LEU C 38 -0.20 27.84 -18.49
CA LEU C 38 -0.56 26.44 -18.60
C LEU C 38 -1.02 26.15 -20.02
N LEU C 39 -0.42 25.14 -20.64
CA LEU C 39 -0.79 24.70 -21.98
C LEU C 39 -1.48 23.34 -21.89
N HIS C 40 -2.71 23.26 -22.39
CA HIS C 40 -3.51 22.05 -22.32
C HIS C 40 -3.74 21.50 -23.72
N ARG C 41 -3.46 20.22 -23.90
CA ARG C 41 -3.68 19.54 -25.17
C ARG C 41 -4.90 18.65 -25.08
N GLU C 42 -5.72 18.66 -26.13
CA GLU C 42 -6.87 17.79 -26.25
C GLU C 42 -6.65 16.84 -27.41
N GLY C 43 -6.72 15.55 -27.14
CA GLY C 43 -6.48 14.55 -28.17
C GLY C 43 -6.44 13.15 -27.58
N LYS C 44 -5.68 12.29 -28.26
CA LYS C 44 -5.59 10.89 -27.81
C LYS C 44 -5.09 10.80 -26.38
N PHE C 45 -4.17 11.69 -25.99
CA PHE C 45 -3.64 11.71 -24.63
C PHE C 45 -3.59 13.17 -24.18
N LYS C 46 -4.57 13.58 -23.37
CA LYS C 46 -4.62 14.94 -22.89
C LYS C 46 -3.54 15.17 -21.82
N ASP C 47 -3.04 16.40 -21.76
CA ASP C 47 -1.96 16.73 -20.84
C ASP C 47 -2.02 18.23 -20.54
N THR C 48 -1.37 18.62 -19.45
CA THR C 48 -1.33 20.00 -19.01
C THR C 48 0.09 20.32 -18.54
N LEU C 49 0.82 21.09 -19.35
CA LEU C 49 2.18 21.48 -19.02
C LEU C 49 2.18 22.86 -18.36
N HIS C 50 3.09 23.04 -17.40
CA HIS C 50 3.19 24.29 -16.66
C HIS C 50 4.51 24.99 -17.01
N LEU C 51 4.46 26.31 -17.07
CA LEU C 51 5.64 27.13 -17.35
C LEU C 51 5.47 28.48 -16.68
N ILE C 52 6.47 28.89 -15.90
CA ILE C 52 6.41 30.22 -15.23
C ILE C 52 6.58 31.31 -16.28
N GLY C 53 5.61 32.23 -16.36
CA GLY C 53 5.66 33.34 -17.33
C GLY C 53 6.82 34.27 -17.05
N GLU C 54 7.59 34.64 -18.08
CA GLU C 54 8.71 35.59 -17.92
C GLU C 54 8.28 36.97 -18.41
N HIS C 55 8.18 37.92 -17.50
CA HIS C 55 7.62 39.27 -17.79
C HIS C 55 8.71 40.16 -18.39
N HIS C 56 8.86 40.11 -19.71
CA HIS C 56 9.84 40.96 -20.43
C HIS C 56 9.15 42.29 -20.79
N ASP C 57 9.78 43.08 -21.67
CA ASP C 57 9.28 44.41 -21.96
C ASP C 57 7.89 44.36 -22.57
N GLY C 58 6.87 44.72 -21.78
CA GLY C 58 5.52 44.82 -22.28
C GLY C 58 4.64 43.62 -22.00
N VAL C 59 5.17 42.41 -22.23
CA VAL C 59 4.38 41.19 -22.15
C VAL C 59 5.09 40.18 -21.26
N SER C 60 4.33 39.19 -20.81
CA SER C 60 4.84 38.02 -20.13
C SER C 60 4.61 36.82 -21.05
N LYS C 61 5.69 36.11 -21.38
CA LYS C 61 5.63 35.04 -22.37
C LYS C 61 6.13 33.72 -21.77
N ALA C 62 5.90 32.65 -22.53
CA ALA C 62 6.33 31.31 -22.14
C ALA C 62 6.51 30.48 -23.39
N ASN C 63 7.70 29.89 -23.54
CA ASN C 63 8.04 29.12 -24.74
C ASN C 63 7.89 27.63 -24.42
N PHE C 64 6.73 27.07 -24.77
CA PHE C 64 6.50 25.64 -24.59
C PHE C 64 7.19 24.87 -25.71
N SER C 65 8.03 23.92 -25.32
CA SER C 65 8.85 23.15 -26.26
C SER C 65 8.29 21.74 -26.37
N ILE C 66 7.62 21.45 -27.48
CA ILE C 66 7.06 20.13 -27.73
C ILE C 66 8.14 19.31 -28.42
N GLY C 67 8.62 18.26 -27.75
CA GLY C 67 9.78 17.52 -28.20
C GLY C 67 9.57 16.73 -29.48
N PRO C 68 10.37 15.66 -29.66
CA PRO C 68 10.26 14.84 -30.88
C PRO C 68 8.82 14.44 -31.19
N MET C 69 8.31 14.98 -32.30
CA MET C 69 6.89 14.88 -32.60
C MET C 69 6.49 13.43 -32.85
N MET C 70 5.63 12.91 -31.98
CA MET C 70 4.98 11.63 -32.16
C MET C 70 3.47 11.86 -32.29
N GLN C 71 2.77 10.83 -32.77
CA GLN C 71 1.32 10.92 -32.90
C GLN C 71 0.62 11.20 -31.58
N ASP C 72 1.32 11.03 -30.45
CA ASP C 72 0.73 11.29 -29.14
C ASP C 72 0.76 12.76 -28.76
N LEU C 73 1.68 13.54 -29.32
CA LEU C 73 1.77 14.96 -29.05
C LEU C 73 0.93 15.81 -30.00
N ALA C 74 0.09 15.18 -30.82
CA ALA C 74 -0.77 15.89 -31.74
C ALA C 74 -2.17 16.05 -31.14
N GLY C 75 -2.79 17.20 -31.42
CA GLY C 75 -4.13 17.45 -30.91
C GLY C 75 -4.42 18.95 -30.92
N THR C 76 -5.38 19.33 -30.09
CA THR C 76 -5.82 20.72 -29.98
C THR C 76 -5.16 21.35 -28.76
N TYR C 77 -4.38 22.39 -28.99
CA TYR C 77 -3.63 23.06 -27.93
C TYR C 77 -4.30 24.38 -27.59
N ARG C 78 -4.72 24.53 -26.33
CA ARG C 78 -5.21 25.79 -25.80
C ARG C 78 -4.32 26.21 -24.65
N CYS C 79 -4.25 27.52 -24.40
CA CYS C 79 -3.33 28.08 -23.42
C CYS C 79 -4.08 28.88 -22.37
N TYR C 80 -3.63 28.77 -21.13
CA TYR C 80 -4.22 29.47 -19.99
C TYR C 80 -3.13 30.22 -19.24
N GLY C 81 -3.56 31.18 -18.44
CA GLY C 81 -2.61 31.92 -17.59
C GLY C 81 -3.24 32.20 -16.25
N SER C 82 -2.42 32.32 -15.21
CA SER C 82 -2.96 32.58 -13.86
C SER C 82 -2.02 33.51 -13.08
N VAL C 83 -2.48 33.99 -11.92
CA VAL C 83 -1.61 34.80 -11.03
C VAL C 83 -1.39 33.98 -9.76
N THR C 84 -0.23 34.11 -9.13
CA THR C 84 0.10 33.32 -7.92
C THR C 84 -0.90 33.66 -6.81
N HIS C 85 -1.64 34.75 -6.98
CA HIS C 85 -2.63 35.16 -5.96
C HIS C 85 -3.59 33.98 -5.75
N SER C 86 -4.00 33.35 -6.84
CA SER C 86 -4.85 32.13 -6.75
C SER C 86 -4.53 31.25 -7.95
N PRO C 87 -3.46 30.43 -7.91
CA PRO C 87 -3.07 29.61 -9.05
C PRO C 87 -4.26 28.72 -9.38
N TYR C 88 -5.18 28.54 -8.43
CA TYR C 88 -6.41 27.75 -8.68
C TYR C 88 -7.21 28.37 -9.82
N GLN C 89 -7.38 29.69 -9.80
CA GLN C 89 -8.24 30.35 -10.83
C GLN C 89 -7.44 30.60 -12.11
N LEU C 90 -7.78 29.90 -13.19
CA LEU C 90 -7.13 30.13 -14.50
C LEU C 90 -7.87 31.28 -15.19
N SER C 91 -7.41 31.67 -16.37
CA SER C 91 -8.06 32.77 -17.13
C SER C 91 -8.94 32.18 -18.22
N ALA C 92 -9.28 32.99 -19.23
CA ALA C 92 -10.02 32.47 -20.36
C ALA C 92 -9.08 31.70 -21.29
N PRO C 93 -9.54 30.60 -21.85
CA PRO C 93 -8.67 29.82 -22.75
C PRO C 93 -8.35 30.59 -24.02
N SER C 94 -7.11 30.46 -24.47
CA SER C 94 -6.70 31.08 -25.73
C SER C 94 -7.40 30.39 -26.89
N ASP C 95 -7.25 30.98 -28.07
CA ASP C 95 -7.81 30.37 -29.27
C ASP C 95 -7.11 29.04 -29.54
N PRO C 96 -7.86 28.00 -29.90
CA PRO C 96 -7.25 26.67 -30.04
C PRO C 96 -6.30 26.61 -31.24
N LEU C 97 -5.18 25.92 -31.04
CA LEU C 97 -4.17 25.72 -32.06
C LEU C 97 -4.01 24.22 -32.28
N ASP C 98 -4.26 23.76 -33.51
CA ASP C 98 -4.22 22.35 -33.84
C ASP C 98 -2.84 21.99 -34.38
N ILE C 99 -2.16 21.08 -33.69
CA ILE C 99 -0.84 20.61 -34.10
C ILE C 99 -1.04 19.25 -34.78
N VAL C 100 -0.58 19.13 -36.02
CA VAL C 100 -0.79 17.94 -36.83
C VAL C 100 0.54 17.51 -37.42
N ILE C 101 0.78 16.19 -37.45
CA ILE C 101 2.02 15.64 -37.99
C ILE C 101 1.93 15.58 -39.51
N THR C 102 3.00 15.99 -40.18
CA THR C 102 3.07 15.94 -41.63
C THR C 102 3.26 14.49 -42.10
#